data_1JUR
#
_entry.id   1JUR
#
_cell.length_a   ?
_cell.length_b   ?
_cell.length_c   ?
_cell.angle_alpha   ?
_cell.angle_beta   ?
_cell.angle_gamma   ?
#
_entity_poly.entity_id   1
_entity_poly.type   'polyribonucleotide'
_entity_poly.pdbx_seq_one_letter_code
;GGCCUGAGGAGACUCAGAAGCC
;
_entity_poly.pdbx_strand_id   A
#